data_7K45
#
_entry.id   7K45
#
loop_
_entity.id
_entity.type
_entity.pdbx_description
1 polymer 'S2E12 neutralizing antibody Fab fragment (heavy chain)'
2 polymer 'S2E12 neutralizing antibody Fab fragment (light chain)'
3 polymer 'Spike glycoprotein'
4 branched 2-acetamido-2-deoxy-beta-D-glucopyranose-(1-4)-2-acetamido-2-deoxy-beta-D-glucopyranose
#
loop_
_entity_poly.entity_id
_entity_poly.type
_entity_poly.pdbx_seq_one_letter_code
_entity_poly.pdbx_strand_id
1 'polypeptide(L)'
;QVQLVQSGPEVKKPGTSVRVSCKASGFTFTSSAVQWVRQARGQRLEWVGWIVVGSGNTNYAQKFHERVTITRDMSTSTAY
MELSSLRSEDTAVYYCASPYCSGGSCSDGFDIWGQGTMVTVSS
;
H
2 'polypeptide(L)'
;DIVLTQTPGTLSLSPGERATLSCRASQSVSSSYLAWYQQKPGQAPRLLIYGASSRATGIPDRFSGSGSGTDFTLTISRLE
PEDFAVYYCQQYVGLTGWTFGQGTKVEIK
;
L
3 'polypeptide(L)'
;MFVFLVLLPLVSSQCVNLTTRTQLPPAYTNSFTRGVYYPDKVFRSSVLHSTQDLFLPFFSNVTWFHAIHVSGTNGTKRFD
NPVLPFNDGVYFASTEKSNIIRGWIFGTTLDSKTQSLLIVNNATNVVIKVCEFQFCNDPFLGVYYHKNNKSWMESEFRVY
SSANNCTFEYVSQPFLMDLEGKQGNFKNLREFVFKNIDGYFKIYSKHTPINLVRDLPQGFSALEPLVDLPIGINITRFQT
LLALHRSYLTPGDSSSGWTAGAAAYYVGYLQPRTFLLKYNENGTITDAVDCALDPLSETKCTLKSFTVEKGIYQTSNFRV
QPTESIVRFPNITNLCPFGEVFNATRFASVYAWNRKRISNCVADYSVLYNSASFSTFKCYGVSPTKLNDLCFTNVYADSF
VIRGDEVRQIAPGQTGKIADYNYKLPDDFTGCVIAWNSNNLDSKVGGNYNYLYRLFRKSNLKPFERDISTEIYQAGSTPC
NGVEGFNCYFPLQSYGFQPTNGVGYQPYRVVVLSFELLHAPATVCGPKKSTNLVKNKCVNFNFNGLTGTGVLTESNKKFL
PFQQFGRDIADTTDAVRDPQTLEILDITPCSFGGVSVITPGTNTSNQVAVLYQDVNCTEVPVAIHADQLTPTWRVYSTGS
NVFQTRAGCLIGAEHVNNSYECDIPIGAGICASYQTQTNSPGSASSVASQSIIAYTMSLGAENSVAYSNNSIAIPTNFTI
SVTTEILPVSMTKTSVDCTMYICGDSTECSNLLLQYGSFCTQLNRALTGIAVEQDKNTQEVFAQVKQIYKTPPIKDFGGF
NFSQILPDPSKPSKRSPIEDLLFNKVTLADAGFIKQYGDCLGDIAARDLICAQKFNGLTVLPPLLTDEMIAQYTSALLAG
TITSGWTFGAGPALQIPFPMQMAYRFNGIGVTQNVLYENQKLIANQFNSAIGKIQDSLSSTPSALGKLQDVVNQNAQALN
TLVKQLSSNFGAISSVLNDILSRLDPPEAEVQIDRLITGRLQSLQTYVTQQLIRAAEIRASANLAATKMSECVLGQSKRV
DFCGKGYHLMSFPQSAPHGVVFLHVTYVPAQEKNFTTAPAICHDGKAHFPREGVFVSNGTHWFVTQRNFYEPQIITTDNT
FVSGNCDVVIGIVNNTVYDPLQPELDSFKEELDKYFKNHTSPDVDLGDISGINASVVNIQKEIDRLNEVAKNLNESLIDL
QELGKYEQGSGYIPEAPRDGQAYVRKDGEWVLLSTFLGRSLEVLFQGPGHHHHHHHHSAWSHPQFEKGGGSGGGGSGGSA
WSHPQFEK
;
B
#
loop_
_chem_comp.id
_chem_comp.type
_chem_comp.name
_chem_comp.formula
NAG D-saccharide, beta linking 2-acetamido-2-deoxy-beta-D-glucopyranose 'C8 H15 N O6'
#
# COMPACT_ATOMS: atom_id res chain seq x y z
N VAL A 2 11.95 10.28 11.71
CA VAL A 2 11.40 8.97 11.39
C VAL A 2 10.93 8.31 12.70
N GLN A 3 9.61 8.30 12.91
CA GLN A 3 8.98 7.73 14.10
C GLN A 3 7.58 7.24 13.79
N LEU A 4 7.08 6.36 14.64
CA LEU A 4 5.70 5.95 14.58
C LEU A 4 5.09 6.24 15.93
N VAL A 5 4.14 7.16 15.98
CA VAL A 5 3.60 7.62 17.25
C VAL A 5 2.27 7.02 17.55
N GLN A 6 2.23 6.27 18.62
CA GLN A 6 1.06 5.53 18.99
C GLN A 6 0.18 6.30 19.97
N SER A 7 -1.12 6.05 19.90
CA SER A 7 -2.14 6.64 20.74
C SER A 7 -1.94 6.25 22.19
N GLY A 8 -2.77 6.78 23.08
CA GLY A 8 -2.64 6.52 24.51
C GLY A 8 -3.25 5.17 24.92
N PRO A 9 -3.23 4.86 26.22
CA PRO A 9 -3.74 3.66 26.87
C PRO A 9 -5.26 3.67 26.90
N GLU A 10 -5.86 2.48 27.01
CA GLU A 10 -7.31 2.39 27.06
C GLU A 10 -7.80 1.44 28.15
N VAL A 11 -8.98 1.74 28.71
CA VAL A 11 -9.63 0.83 29.64
C VAL A 11 -11.04 0.54 29.16
N LYS A 12 -11.33 -0.73 28.92
CA LYS A 12 -12.61 -1.12 28.36
C LYS A 12 -13.27 -2.24 29.16
N LYS A 13 -14.58 -2.36 29.02
CA LYS A 13 -15.30 -3.45 29.64
C LYS A 13 -15.18 -4.71 28.79
N PRO A 14 -15.31 -5.90 29.38
CA PRO A 14 -15.42 -7.15 28.66
C PRO A 14 -16.58 -7.09 27.68
N GLY A 15 -16.38 -7.61 26.49
CA GLY A 15 -17.41 -7.64 25.47
C GLY A 15 -17.46 -6.42 24.56
N THR A 16 -16.72 -5.36 24.88
CA THR A 16 -16.76 -4.15 24.06
C THR A 16 -15.56 -4.10 23.13
N SER A 17 -15.49 -3.08 22.29
CA SER A 17 -14.38 -2.96 21.36
C SER A 17 -13.40 -1.89 21.78
N VAL A 18 -12.14 -2.06 21.36
CA VAL A 18 -11.11 -1.06 21.60
C VAL A 18 -10.50 -0.60 20.29
N ARG A 19 -10.34 0.72 20.16
CA ARG A 19 -9.71 1.28 18.98
C ARG A 19 -8.36 1.86 19.33
N VAL A 20 -7.33 1.37 18.67
CA VAL A 20 -5.96 1.83 18.88
C VAL A 20 -5.39 2.29 17.56
N SER A 21 -4.57 3.34 17.59
CA SER A 21 -4.04 3.85 16.33
C SER A 21 -2.60 4.31 16.42
N CYS A 22 -1.91 4.34 15.26
CA CYS A 22 -0.53 4.80 15.14
C CYS A 22 -0.37 5.78 13.97
N LYS A 23 0.17 6.96 14.28
CA LYS A 23 0.40 8.00 13.29
C LYS A 23 1.85 8.04 12.88
N ALA A 24 2.11 7.90 11.59
CA ALA A 24 3.47 7.89 11.11
C ALA A 24 3.94 9.28 10.75
N SER A 25 5.22 9.53 10.95
CA SER A 25 5.82 10.77 10.49
C SER A 25 7.28 10.57 10.13
N GLY A 26 7.77 11.39 9.21
CA GLY A 26 9.18 11.35 8.85
C GLY A 26 9.49 10.40 7.70
N PHE A 27 8.48 9.64 7.26
CA PHE A 27 8.71 8.69 6.18
C PHE A 27 7.48 8.49 5.33
N THR A 28 7.66 7.83 4.19
CA THR A 28 6.57 7.67 3.24
C THR A 28 5.62 6.59 3.69
N PHE A 29 4.76 6.96 4.63
CA PHE A 29 3.80 6.05 5.23
C PHE A 29 2.98 5.32 4.20
N THR A 30 2.55 6.02 3.18
CA THR A 30 1.66 5.45 2.18
C THR A 30 2.30 4.36 1.31
N SER A 31 3.60 4.14 1.46
CA SER A 31 4.29 3.09 0.74
C SER A 31 4.69 1.94 1.65
N SER A 32 4.42 2.08 2.95
CA SER A 32 4.86 1.11 3.94
C SER A 32 3.73 0.17 4.33
N ALA A 33 4.01 -0.68 5.29
CA ALA A 33 3.03 -1.62 5.80
C ALA A 33 3.12 -1.62 7.31
N VAL A 34 2.01 -1.88 7.97
CA VAL A 34 2.01 -1.87 9.42
C VAL A 34 1.58 -3.20 10.01
N GLN A 35 2.37 -3.71 10.94
CA GLN A 35 1.99 -4.93 11.60
C GLN A 35 1.67 -4.63 13.03
N TRP A 36 0.78 -5.40 13.60
CA TRP A 36 0.42 -5.26 14.99
C TRP A 36 0.74 -6.52 15.76
N VAL A 37 1.29 -6.33 16.94
CA VAL A 37 1.62 -7.42 17.84
C VAL A 37 1.10 -7.06 19.21
N ARG A 38 0.97 -8.02 20.10
CA ARG A 38 0.57 -7.67 21.45
C ARG A 38 1.42 -8.44 22.43
N GLN A 39 1.66 -7.85 23.59
CA GLN A 39 2.47 -8.54 24.58
C GLN A 39 1.87 -8.44 25.96
N ALA A 40 1.59 -9.58 26.57
CA ALA A 40 1.12 -9.57 27.95
C ALA A 40 2.35 -9.33 28.80
N ARG A 41 2.17 -8.79 29.99
CA ARG A 41 3.38 -8.53 30.77
C ARG A 41 4.00 -9.83 31.22
N GLY A 42 5.30 -9.96 30.95
CA GLY A 42 6.07 -11.15 31.30
C GLY A 42 5.99 -12.24 30.25
N GLN A 43 5.28 -11.99 29.15
CA GLN A 43 5.12 -12.98 28.10
C GLN A 43 5.82 -12.63 26.80
N ARG A 44 5.75 -13.55 25.86
CA ARG A 44 6.35 -13.41 24.54
C ARG A 44 5.50 -12.54 23.64
N LEU A 45 6.07 -12.05 22.56
CA LEU A 45 5.30 -11.27 21.61
C LEU A 45 4.38 -12.18 20.81
N GLU A 46 3.12 -11.79 20.68
CA GLU A 46 2.20 -12.53 19.83
C GLU A 46 1.85 -11.67 18.63
N TRP A 47 1.77 -12.28 17.46
CA TRP A 47 1.42 -11.53 16.27
C TRP A 47 -0.08 -11.44 16.14
N VAL A 48 -0.60 -10.26 15.78
CA VAL A 48 -2.04 -10.08 15.64
C VAL A 48 -2.46 -10.04 14.19
N GLY A 49 -1.74 -9.27 13.38
CA GLY A 49 -2.11 -9.11 11.98
C GLY A 49 -1.36 -7.97 11.33
N TRP A 50 -1.60 -7.73 10.05
CA TRP A 50 -0.95 -6.61 9.39
C TRP A 50 -1.75 -6.08 8.24
N ILE A 51 -1.45 -4.86 7.86
CA ILE A 51 -2.08 -4.19 6.74
C ILE A 51 -1.05 -3.55 5.84
N VAL A 52 -1.29 -3.61 4.56
CA VAL A 52 -0.44 -2.90 3.62
C VAL A 52 -1.04 -1.53 3.48
N VAL A 53 -0.30 -0.48 3.77
CA VAL A 53 -0.93 0.83 3.82
C VAL A 53 -1.49 1.25 2.48
N GLY A 54 -0.69 1.13 1.44
CA GLY A 54 -1.16 1.55 0.13
C GLY A 54 -2.39 0.76 -0.31
N SER A 55 -2.26 -0.56 -0.32
CA SER A 55 -3.30 -1.46 -0.80
C SER A 55 -4.55 -1.48 0.06
N GLY A 56 -4.38 -1.50 1.38
CA GLY A 56 -5.51 -1.63 2.29
C GLY A 56 -5.81 -3.11 2.54
N ASN A 57 -4.97 -3.97 1.98
CA ASN A 57 -5.09 -5.41 2.13
C ASN A 57 -4.67 -5.85 3.51
N THR A 58 -5.46 -6.73 4.13
CA THR A 58 -5.13 -7.21 5.47
C THR A 58 -5.09 -8.71 5.61
N ASN A 59 -4.31 -9.15 6.59
CA ASN A 59 -4.21 -10.55 7.00
C ASN A 59 -4.16 -10.61 8.52
N TYR A 60 -4.76 -11.63 9.10
CA TYR A 60 -4.80 -11.72 10.56
C TYR A 60 -4.38 -13.07 11.08
N ALA A 61 -3.87 -13.09 12.30
CA ALA A 61 -3.59 -14.35 12.96
C ALA A 61 -4.88 -15.07 13.20
N GLN A 62 -4.89 -16.38 13.01
CA GLN A 62 -6.10 -17.17 13.15
C GLN A 62 -6.75 -17.04 14.53
N LYS A 63 -5.94 -16.82 15.55
CA LYS A 63 -6.47 -16.70 16.90
C LYS A 63 -7.41 -15.52 17.09
N PHE A 64 -7.17 -14.42 16.38
CA PHE A 64 -7.97 -13.24 16.59
C PHE A 64 -8.87 -12.98 15.41
N HIS A 65 -8.48 -13.51 14.25
CA HIS A 65 -9.12 -13.26 12.96
C HIS A 65 -10.58 -12.85 13.03
N GLU A 66 -11.40 -13.66 13.65
CA GLU A 66 -12.84 -13.46 13.63
C GLU A 66 -13.28 -12.11 14.20
N ARG A 67 -12.55 -11.61 15.18
CA ARG A 67 -12.94 -10.39 15.87
C ARG A 67 -11.95 -9.24 15.72
N VAL A 68 -11.03 -9.31 14.75
CA VAL A 68 -10.07 -8.21 14.62
C VAL A 68 -10.10 -7.57 13.24
N THR A 69 -10.13 -6.23 13.24
CA THR A 69 -10.12 -5.46 12.00
C THR A 69 -9.04 -4.40 11.98
N ILE A 70 -8.27 -4.35 10.89
CA ILE A 70 -7.25 -3.33 10.71
C ILE A 70 -7.56 -2.49 9.48
N THR A 71 -7.52 -1.17 9.65
CA THR A 71 -7.83 -0.23 8.59
C THR A 71 -6.78 0.88 8.56
N ARG A 72 -6.87 1.78 7.60
CA ARG A 72 -5.95 2.93 7.59
C ARG A 72 -6.57 4.12 6.89
N ASP A 73 -6.03 5.30 7.16
CA ASP A 73 -6.49 6.52 6.50
C ASP A 73 -5.32 7.42 6.07
N MET A 74 -5.16 7.56 4.77
CA MET A 74 -4.07 8.30 4.17
C MET A 74 -4.01 9.75 4.64
N SER A 75 -5.16 10.35 4.87
CA SER A 75 -5.21 11.78 5.15
C SER A 75 -4.53 12.17 6.44
N THR A 76 -4.34 11.20 7.35
CA THR A 76 -3.71 11.49 8.62
C THR A 76 -2.50 10.61 8.80
N SER A 77 -2.09 9.90 7.75
CA SER A 77 -0.99 8.96 7.83
C SER A 77 -1.13 8.05 9.04
N THR A 78 -2.35 7.54 9.26
CA THR A 78 -2.59 6.76 10.46
C THR A 78 -3.17 5.37 10.20
N ALA A 79 -2.60 4.39 10.90
CA ALA A 79 -3.08 3.01 10.87
C ALA A 79 -3.95 2.77 12.09
N TYR A 80 -5.03 2.03 11.91
CA TYR A 80 -5.95 1.75 13.00
C TYR A 80 -6.20 0.27 13.18
N MET A 81 -6.41 -0.13 14.42
CA MET A 81 -6.83 -1.49 14.69
C MET A 81 -7.94 -1.52 15.70
N GLU A 82 -8.92 -2.36 15.48
CA GLU A 82 -9.98 -2.51 16.44
C GLU A 82 -10.20 -3.96 16.79
N LEU A 83 -10.20 -4.24 18.08
CA LEU A 83 -10.43 -5.60 18.53
C LEU A 83 -11.79 -5.69 19.22
N SER A 84 -12.67 -6.48 18.64
CA SER A 84 -14.04 -6.62 19.12
C SER A 84 -14.16 -7.69 20.18
N SER A 85 -15.25 -7.67 20.92
CA SER A 85 -15.55 -8.69 21.91
C SER A 85 -14.38 -8.96 22.84
N LEU A 86 -13.91 -7.92 23.51
CA LEU A 86 -12.76 -8.04 24.40
C LEU A 86 -12.96 -9.05 25.50
N ARG A 87 -11.89 -9.79 25.78
CA ARG A 87 -11.86 -10.76 26.85
C ARG A 87 -10.88 -10.30 27.91
N SER A 88 -11.06 -10.74 29.15
CA SER A 88 -10.15 -10.30 30.21
C SER A 88 -8.71 -10.68 29.89
N GLU A 89 -8.55 -11.82 29.25
CA GLU A 89 -7.26 -12.37 28.88
C GLU A 89 -6.56 -11.54 27.79
N ASP A 90 -7.29 -10.63 27.16
CA ASP A 90 -6.72 -9.79 26.11
C ASP A 90 -5.85 -8.71 26.68
N THR A 91 -5.90 -8.49 27.99
CA THR A 91 -5.11 -7.39 28.53
C THR A 91 -3.69 -7.56 28.08
N ALA A 92 -3.17 -6.55 27.40
CA ALA A 92 -1.85 -6.61 26.83
C ALA A 92 -1.39 -5.25 26.38
N VAL A 93 -0.10 -5.12 26.13
CA VAL A 93 0.40 -3.92 25.49
C VAL A 93 0.47 -4.16 24.00
N TYR A 94 -0.20 -3.31 23.25
CA TYR A 94 -0.23 -3.47 21.81
C TYR A 94 0.79 -2.57 21.16
N TYR A 95 1.49 -3.12 20.19
CA TYR A 95 2.51 -2.39 19.45
C TYR A 95 2.21 -2.42 17.98
N CYS A 96 2.69 -1.40 17.27
CA CYS A 96 2.62 -1.29 15.81
C CYS A 96 4.02 -1.09 15.27
N ALA A 97 4.26 -1.57 14.06
CA ALA A 97 5.56 -1.36 13.46
C ALA A 97 5.49 -1.31 11.95
N SER A 98 6.45 -0.63 11.34
CA SER A 98 6.53 -0.53 9.89
C SER A 98 7.99 -0.50 9.43
N PRO A 99 8.28 -0.85 8.18
CA PRO A 99 9.54 -0.66 7.52
C PRO A 99 9.69 0.80 7.20
N TYR A 100 10.92 1.23 7.04
CA TYR A 100 11.18 2.60 6.61
C TYR A 100 11.09 2.68 5.10
N CYS A 101 10.34 3.65 4.59
CA CYS A 101 10.17 3.86 3.14
C CYS A 101 10.51 5.28 2.75
N SER A 102 11.22 5.40 1.63
CA SER A 102 11.59 6.66 1.03
C SER A 102 11.61 6.53 -0.49
N GLY A 103 10.74 7.28 -1.15
CA GLY A 103 10.61 7.15 -2.60
C GLY A 103 10.07 5.76 -2.93
N GLY A 104 10.75 5.07 -3.84
CA GLY A 104 10.31 3.75 -4.25
C GLY A 104 10.97 2.61 -3.47
N SER A 105 11.78 2.93 -2.47
CA SER A 105 12.48 1.88 -1.74
C SER A 105 12.06 1.80 -0.28
N CYS A 106 11.86 0.57 0.21
CA CYS A 106 11.54 0.27 1.60
C CYS A 106 12.59 -0.67 2.18
N SER A 107 12.76 -0.60 3.49
CA SER A 107 13.67 -1.48 4.20
C SER A 107 13.13 -2.90 4.21
N ASP A 108 14.00 -3.85 4.55
CA ASP A 108 13.66 -5.27 4.52
C ASP A 108 13.27 -5.83 5.88
N GLY A 109 12.77 -4.97 6.74
CA GLY A 109 12.30 -5.41 8.05
C GLY A 109 11.66 -4.28 8.83
N PHE A 110 11.07 -4.62 9.95
CA PHE A 110 10.36 -3.62 10.72
C PHE A 110 11.29 -2.86 11.64
N ASP A 111 11.84 -1.77 11.12
CA ASP A 111 12.76 -0.92 11.86
C ASP A 111 12.05 0.09 12.74
N ILE A 112 10.86 0.51 12.35
CA ILE A 112 10.18 1.58 13.06
C ILE A 112 9.09 1.02 13.97
N TRP A 113 9.25 1.19 15.27
CA TRP A 113 8.28 0.68 16.23
C TRP A 113 7.62 1.78 17.04
N GLY A 114 6.36 1.58 17.38
CA GLY A 114 5.65 2.51 18.23
C GLY A 114 6.04 2.25 19.67
N GLN A 115 5.49 3.03 20.59
CA GLN A 115 5.86 2.92 21.99
C GLN A 115 5.13 1.82 22.75
N GLY A 116 3.94 1.48 22.31
CA GLY A 116 3.16 0.47 23.00
C GLY A 116 2.07 1.08 23.85
N THR A 117 0.86 0.53 23.76
CA THR A 117 -0.25 1.01 24.58
C THR A 117 -0.87 -0.10 25.37
N MET A 118 -1.07 0.12 26.65
CA MET A 118 -1.73 -0.89 27.41
C MET A 118 -3.21 -0.78 27.23
N VAL A 119 -3.83 -1.91 26.97
CA VAL A 119 -5.27 -2.01 26.89
C VAL A 119 -5.73 -2.95 27.98
N THR A 120 -6.55 -2.42 28.86
CA THR A 120 -7.03 -3.19 30.00
C THR A 120 -8.48 -3.57 29.83
N VAL A 121 -8.77 -4.85 30.05
CA VAL A 121 -10.15 -5.31 30.01
C VAL A 121 -10.57 -5.69 31.42
N SER A 122 -11.50 -4.94 31.98
CA SER A 122 -11.81 -5.12 33.40
C SER A 122 -13.19 -4.56 33.80
N SER A 123 -13.64 -4.92 35.01
CA SER A 123 -14.87 -4.41 35.62
C SER A 123 -14.57 -3.15 36.43
N ILE B 2 2.96 -21.95 11.72
CA ILE B 2 4.28 -22.48 12.04
C ILE B 2 4.59 -22.24 13.52
N VAL B 3 5.53 -23.02 14.06
CA VAL B 3 6.06 -22.86 15.41
C VAL B 3 7.55 -22.59 15.36
N LEU B 4 7.96 -21.47 15.95
CA LEU B 4 9.37 -21.14 16.05
C LEU B 4 9.85 -21.46 17.44
N THR B 5 10.78 -22.38 17.54
CA THR B 5 11.26 -22.78 18.86
C THR B 5 12.50 -22.00 19.22
N GLN B 6 12.41 -21.22 20.29
CA GLN B 6 13.53 -20.40 20.68
C GLN B 6 14.20 -20.94 21.93
N THR B 7 15.50 -21.22 21.84
CA THR B 7 16.26 -21.72 22.98
C THR B 7 17.56 -20.96 23.17
N PRO B 8 18.08 -20.91 24.41
CA PRO B 8 17.57 -21.42 25.67
C PRO B 8 16.48 -20.53 26.21
N GLY B 9 15.74 -20.99 27.21
CA GLY B 9 14.78 -20.08 27.85
C GLY B 9 15.53 -18.88 28.41
N THR B 10 16.60 -19.18 29.15
CA THR B 10 17.46 -18.17 29.74
C THR B 10 18.91 -18.50 29.44
N LEU B 11 19.68 -17.51 29.03
CA LEU B 11 21.09 -17.69 28.79
C LEU B 11 21.88 -16.85 29.79
N SER B 12 22.60 -17.50 30.68
CA SER B 12 23.38 -16.79 31.68
C SER B 12 24.83 -16.75 31.28
N LEU B 13 25.33 -15.56 31.02
CA LEU B 13 26.68 -15.38 30.58
C LEU B 13 27.17 -13.98 30.93
N SER B 14 28.33 -13.88 31.54
CA SER B 14 28.87 -12.59 31.95
C SER B 14 29.27 -11.72 30.75
N PRO B 15 29.30 -10.38 30.93
CA PRO B 15 29.78 -9.40 29.98
C PRO B 15 31.20 -9.68 29.56
N GLY B 16 31.50 -9.40 28.30
CA GLY B 16 32.81 -9.60 27.73
C GLY B 16 32.89 -10.90 26.94
N GLU B 17 31.91 -11.77 27.16
CA GLU B 17 31.88 -13.05 26.48
C GLU B 17 31.01 -13.01 25.24
N ARG B 18 30.97 -14.14 24.52
CA ARG B 18 30.19 -14.25 23.30
C ARG B 18 29.09 -15.29 23.47
N ALA B 19 28.03 -15.17 22.67
CA ALA B 19 26.88 -16.06 22.80
C ALA B 19 26.20 -16.34 21.48
N THR B 20 25.50 -17.45 21.42
CA THR B 20 24.71 -17.78 20.25
C THR B 20 23.29 -18.13 20.67
N LEU B 21 22.30 -17.53 20.02
CA LEU B 21 20.92 -17.80 20.36
C LEU B 21 20.32 -18.62 19.24
N SER B 22 19.44 -19.58 19.54
CA SER B 22 18.90 -20.43 18.49
C SER B 22 17.38 -20.41 18.30
N CYS B 23 16.94 -20.16 17.06
CA CYS B 23 15.54 -20.17 16.62
C CYS B 23 15.35 -21.25 15.57
N ARG B 24 14.65 -22.31 15.95
CA ARG B 24 14.50 -23.45 15.06
C ARG B 24 13.09 -23.53 14.46
N ALA B 25 13.04 -23.43 13.15
CA ALA B 25 11.78 -23.48 12.43
C ALA B 25 11.25 -24.90 12.40
N SER B 26 9.94 -25.04 12.26
CA SER B 26 9.31 -26.35 12.19
C SER B 26 9.34 -26.92 10.78
N GLN B 27 9.83 -26.10 9.87
CA GLN B 27 9.94 -26.44 8.46
C GLN B 27 10.99 -25.55 7.85
N SER B 28 11.45 -25.88 6.65
CA SER B 28 12.36 -24.97 6.00
C SER B 28 11.62 -23.69 5.67
N VAL B 29 12.29 -22.57 5.90
CA VAL B 29 11.73 -21.28 5.57
C VAL B 29 12.74 -20.46 4.81
N SER B 30 12.26 -19.48 4.07
CA SER B 30 13.19 -18.61 3.36
C SER B 30 13.98 -17.80 4.35
N SER B 31 15.29 -17.74 4.14
CA SER B 31 16.15 -16.98 5.04
C SER B 31 15.85 -15.51 4.91
N SER B 32 15.37 -15.11 3.75
CA SER B 32 15.08 -13.72 3.46
C SER B 32 13.94 -13.15 4.31
N TYR B 33 13.13 -14.02 4.91
CA TYR B 33 12.01 -13.56 5.70
C TYR B 33 12.16 -13.82 7.20
N LEU B 34 13.35 -14.13 7.66
CA LEU B 34 13.53 -14.32 9.09
C LEU B 34 14.31 -13.17 9.70
N ALA B 35 13.90 -12.73 10.87
CA ALA B 35 14.56 -11.59 11.51
C ALA B 35 14.67 -11.75 13.00
N TRP B 36 15.63 -11.01 13.59
CA TRP B 36 15.83 -10.99 15.03
C TRP B 36 15.61 -9.61 15.60
N TYR B 37 14.97 -9.57 16.76
CA TYR B 37 14.67 -8.34 17.48
C TYR B 37 15.22 -8.35 18.89
N GLN B 38 15.53 -7.17 19.39
CA GLN B 38 16.00 -7.02 20.76
C GLN B 38 15.08 -6.15 21.57
N GLN B 39 14.54 -6.70 22.65
CA GLN B 39 13.67 -5.92 23.50
C GLN B 39 14.26 -5.63 24.86
N LYS B 40 14.71 -4.42 25.06
CA LYS B 40 15.18 -4.04 26.36
C LYS B 40 13.90 -3.91 27.18
N PRO B 41 13.78 -4.52 28.35
CA PRO B 41 12.56 -4.53 29.14
C PRO B 41 12.02 -3.12 29.34
N GLY B 42 10.71 -2.98 29.14
CA GLY B 42 10.03 -1.70 29.29
C GLY B 42 9.94 -0.91 27.99
N GLN B 43 10.64 -1.37 26.96
CA GLN B 43 10.66 -0.66 25.68
C GLN B 43 10.15 -1.50 24.53
N ALA B 44 9.76 -0.85 23.45
CA ALA B 44 9.41 -1.56 22.23
C ALA B 44 10.69 -2.16 21.68
N PRO B 45 10.64 -3.32 21.02
CA PRO B 45 11.76 -4.01 20.43
C PRO B 45 12.31 -3.27 19.21
N ARG B 46 13.59 -3.50 18.93
CA ARG B 46 14.19 -2.94 17.73
C ARG B 46 14.73 -4.06 16.86
N LEU B 47 14.80 -3.81 15.57
CA LEU B 47 15.33 -4.80 14.64
C LEU B 47 16.84 -4.86 14.69
N LEU B 48 17.38 -6.07 14.78
CA LEU B 48 18.83 -6.27 14.74
C LEU B 48 19.27 -6.90 13.44
N ILE B 49 18.66 -8.03 13.12
CA ILE B 49 19.04 -8.78 11.92
C ILE B 49 17.83 -9.02 11.05
N TYR B 50 17.99 -8.84 9.75
CA TYR B 50 16.91 -9.14 8.84
C TYR B 50 17.43 -9.95 7.68
N GLY B 51 16.55 -10.72 7.07
CA GLY B 51 16.99 -11.53 5.95
C GLY B 51 17.95 -12.60 6.43
N ALA B 52 17.79 -13.01 7.69
CA ALA B 52 18.64 -13.99 8.38
C ALA B 52 20.05 -13.49 8.69
N SER B 53 20.68 -12.77 7.76
CA SER B 53 22.09 -12.38 7.93
C SER B 53 22.42 -10.88 7.89
N SER B 54 21.51 -10.02 7.45
CA SER B 54 21.87 -8.62 7.26
C SER B 54 21.64 -7.76 8.50
N ARG B 55 22.59 -6.89 8.80
CA ARG B 55 22.42 -6.01 9.94
C ARG B 55 21.46 -4.87 9.66
N ALA B 56 20.63 -4.57 10.63
CA ALA B 56 19.75 -3.42 10.59
C ALA B 56 20.57 -2.17 10.81
N THR B 57 20.07 -1.04 10.34
CA THR B 57 20.78 0.20 10.52
C THR B 57 20.96 0.51 12.00
N GLY B 58 22.18 0.88 12.39
CA GLY B 58 22.48 1.24 13.77
C GLY B 58 23.01 0.08 14.59
N ILE B 59 23.07 -1.09 13.98
CA ILE B 59 23.56 -2.26 14.69
C ILE B 59 25.08 -2.41 14.56
N PRO B 60 25.81 -2.45 15.68
CA PRO B 60 27.25 -2.55 15.77
C PRO B 60 27.74 -3.94 15.43
N ASP B 61 29.06 -4.07 15.28
CA ASP B 61 29.67 -5.34 14.92
C ASP B 61 29.74 -6.33 16.08
N ARG B 62 29.16 -5.95 17.21
CA ARG B 62 29.03 -6.86 18.33
C ARG B 62 28.07 -7.97 17.94
N PHE B 63 27.20 -7.68 16.98
CA PHE B 63 26.19 -8.62 16.50
C PHE B 63 26.39 -8.97 15.04
N SER B 64 25.94 -10.16 14.68
CA SER B 64 25.87 -10.57 13.29
C SER B 64 24.81 -11.64 13.13
N GLY B 65 24.41 -11.92 11.90
CA GLY B 65 23.43 -12.96 11.67
C GLY B 65 24.09 -14.22 11.14
N SER B 66 23.30 -15.05 10.42
CA SER B 66 23.74 -16.31 9.84
C SER B 66 22.88 -16.65 8.63
N THR B 70 16.58 -24.42 8.50
CA THR B 70 15.67 -24.42 9.64
C THR B 70 16.31 -23.85 10.92
N ASP B 71 17.65 -23.95 11.05
CA ASP B 71 18.39 -23.52 12.24
C ASP B 71 19.01 -22.15 12.04
N PHE B 72 18.38 -21.14 12.61
CA PHE B 72 18.85 -19.79 12.46
C PHE B 72 19.35 -19.33 13.79
N THR B 73 20.43 -18.58 13.80
CA THR B 73 20.96 -18.14 15.05
C THR B 73 21.30 -16.66 15.06
N LEU B 74 21.34 -16.09 16.25
CA LEU B 74 21.86 -14.75 16.39
C LEU B 74 23.26 -14.88 16.93
N THR B 75 24.21 -14.27 16.28
CA THR B 75 25.57 -14.34 16.76
C THR B 75 25.95 -13.08 17.50
N ILE B 76 26.36 -13.25 18.74
CA ILE B 76 26.79 -12.12 19.50
C ILE B 76 28.27 -12.32 19.73
N SER B 77 29.08 -11.53 19.03
CA SER B 77 30.52 -11.71 19.12
C SER B 77 31.01 -11.29 20.49
N ARG B 78 30.36 -10.28 21.04
CA ARG B 78 30.70 -9.82 22.38
C ARG B 78 29.52 -9.14 23.07
N LEU B 79 29.37 -9.43 24.36
CA LEU B 79 28.33 -8.82 25.18
C LEU B 79 28.81 -7.63 26.01
N GLU B 80 28.11 -6.52 25.83
CA GLU B 80 28.29 -5.32 26.66
C GLU B 80 27.03 -5.19 27.52
N PRO B 81 27.05 -4.44 28.61
CA PRO B 81 25.94 -4.27 29.53
C PRO B 81 24.59 -3.94 28.88
N GLU B 82 24.60 -3.25 27.74
CA GLU B 82 23.34 -2.89 27.07
C GLU B 82 22.84 -3.96 26.12
N ASP B 83 23.59 -5.05 26.01
CA ASP B 83 23.24 -6.13 25.12
C ASP B 83 22.51 -7.22 25.87
N PHE B 84 22.14 -6.94 27.10
CA PHE B 84 21.40 -7.89 27.89
C PHE B 84 19.94 -7.53 27.80
N ALA B 85 19.21 -8.33 27.06
CA ALA B 85 17.84 -8.07 26.70
C ALA B 85 17.17 -9.34 26.25
N VAL B 86 15.88 -9.29 25.99
CA VAL B 86 15.21 -10.46 25.48
C VAL B 86 15.23 -10.45 23.96
N TYR B 87 15.74 -11.51 23.37
CA TYR B 87 15.81 -11.57 21.93
C TYR B 87 14.72 -12.44 21.34
N TYR B 88 14.08 -11.95 20.31
CA TYR B 88 13.02 -12.69 19.65
C TYR B 88 13.35 -12.92 18.19
N CYS B 89 12.90 -14.05 17.63
CA CYS B 89 12.95 -14.30 16.20
C CYS B 89 11.54 -14.13 15.63
N GLN B 90 11.46 -13.62 14.41
CA GLN B 90 10.18 -13.45 13.72
C GLN B 90 10.24 -13.99 12.31
N GLN B 91 9.16 -14.63 11.89
CA GLN B 91 9.03 -15.12 10.54
C GLN B 91 7.98 -14.34 9.75
N TYR B 92 8.37 -13.80 8.59
CA TYR B 92 7.49 -13.00 7.74
C TYR B 92 7.07 -13.76 6.49
N VAL B 93 7.28 -15.06 6.46
CA VAL B 93 7.02 -15.78 5.22
C VAL B 93 5.55 -15.80 4.86
N GLY B 94 5.24 -15.38 3.63
CA GLY B 94 3.89 -15.39 3.11
C GLY B 94 3.10 -14.16 3.56
N LEU B 95 1.80 -14.19 3.30
CA LEU B 95 0.92 -13.08 3.64
C LEU B 95 0.36 -13.21 5.05
N THR B 96 0.19 -14.43 5.51
CA THR B 96 -0.37 -14.65 6.84
C THR B 96 0.43 -15.67 7.59
N GLY B 97 0.09 -15.87 8.85
CA GLY B 97 0.75 -16.88 9.66
C GLY B 97 2.13 -16.46 10.15
N TRP B 98 2.34 -15.16 10.31
CA TRP B 98 3.61 -14.69 10.82
C TRP B 98 3.68 -15.02 12.29
N THR B 99 4.84 -15.42 12.77
CA THR B 99 4.96 -15.78 14.18
C THR B 99 6.23 -15.30 14.83
N PHE B 100 6.23 -15.34 16.16
CA PHE B 100 7.40 -15.07 16.98
C PHE B 100 7.77 -16.28 17.80
N GLY B 101 9.04 -16.37 18.19
CA GLY B 101 9.48 -17.42 19.10
C GLY B 101 9.20 -16.98 20.53
N GLN B 102 9.55 -17.81 21.51
CA GLN B 102 9.27 -17.49 22.90
C GLN B 102 10.10 -16.33 23.45
N GLY B 103 11.31 -16.20 22.95
CA GLY B 103 12.20 -15.14 23.38
C GLY B 103 13.26 -15.65 24.34
N THR B 104 14.51 -15.30 24.08
CA THR B 104 15.59 -15.74 24.95
C THR B 104 16.02 -14.61 25.84
N LYS B 105 15.98 -14.84 27.14
CA LYS B 105 16.42 -13.80 28.04
C LYS B 105 17.89 -13.97 28.33
N VAL B 106 18.69 -12.97 27.97
CA VAL B 106 20.11 -13.07 28.19
C VAL B 106 20.52 -12.19 29.39
N GLU B 107 21.14 -12.80 30.42
CA GLU B 107 21.56 -12.15 31.67
C GLU B 107 23.07 -12.21 31.83
N ASN C 334 -19.90 11.57 -43.12
CA ASN C 334 -18.73 10.93 -42.53
C ASN C 334 -18.33 11.59 -41.21
N LEU C 335 -19.14 11.37 -40.17
CA LEU C 335 -18.86 11.88 -38.83
C LEU C 335 -17.96 10.91 -38.07
N CYS C 336 -17.14 11.45 -37.16
CA CYS C 336 -16.28 10.69 -36.27
C CYS C 336 -17.12 9.90 -35.26
N PRO C 337 -16.73 8.65 -34.98
CA PRO C 337 -17.42 7.72 -34.13
C PRO C 337 -17.28 8.04 -32.66
N PHE C 338 -17.80 9.19 -32.25
CA PHE C 338 -17.75 9.53 -30.83
C PHE C 338 -18.75 8.71 -30.06
N GLY C 339 -19.82 8.30 -30.71
CA GLY C 339 -20.81 7.49 -30.03
C GLY C 339 -20.18 6.19 -29.52
N GLU C 340 -19.20 5.68 -30.24
CA GLU C 340 -18.52 4.44 -29.88
C GLU C 340 -17.58 4.61 -28.69
N VAL C 341 -17.33 5.85 -28.31
CA VAL C 341 -16.45 6.15 -27.21
C VAL C 341 -17.26 6.53 -25.98
N PHE C 342 -18.18 7.44 -26.16
CA PHE C 342 -18.96 7.98 -25.07
C PHE C 342 -20.15 7.12 -24.62
N ASN C 343 -20.76 6.35 -25.54
CA ASN C 343 -21.92 5.49 -25.24
C ASN C 343 -21.50 4.01 -25.15
N ALA C 344 -20.21 3.72 -24.89
CA ALA C 344 -19.68 2.36 -24.76
C ALA C 344 -20.28 1.65 -23.56
N THR C 345 -20.54 0.35 -23.70
CA THR C 345 -21.06 -0.42 -22.59
C THR C 345 -20.03 -0.58 -21.50
N ARG C 346 -18.81 -0.89 -21.89
CA ARG C 346 -17.76 -1.08 -20.92
C ARG C 346 -16.62 -0.12 -21.15
N PHE C 347 -16.02 0.32 -20.07
CA PHE C 347 -14.84 1.16 -20.09
C PHE C 347 -13.66 0.45 -19.48
N ALA C 348 -12.48 0.77 -19.98
CA ALA C 348 -11.26 0.17 -19.48
C ALA C 348 -10.89 0.70 -18.11
N SER C 349 -10.15 -0.13 -17.38
CA SER C 349 -9.55 0.26 -16.13
C SER C 349 -8.50 1.31 -16.39
N VAL C 350 -8.28 2.20 -15.44
CA VAL C 350 -7.31 3.26 -15.65
C VAL C 350 -5.89 2.75 -15.79
N TYR C 351 -5.56 1.63 -15.19
CA TYR C 351 -4.20 1.13 -15.36
C TYR C 351 -3.95 0.65 -16.78
N ALA C 352 -5.03 0.40 -17.53
CA ALA C 352 -4.93 -0.12 -18.87
C ALA C 352 -5.90 0.59 -19.79
N TRP C 353 -5.77 1.90 -19.89
CA TRP C 353 -6.73 2.73 -20.62
C TRP C 353 -6.81 2.36 -22.08
N ASN C 354 -8.00 2.54 -22.64
CA ASN C 354 -8.26 2.16 -24.02
C ASN C 354 -8.05 3.29 -25.01
N ARG C 355 -7.01 3.18 -25.83
CA ARG C 355 -6.73 4.22 -26.81
C ARG C 355 -7.37 3.96 -28.16
N LYS C 356 -8.37 4.77 -28.50
CA LYS C 356 -9.02 4.65 -29.80
C LYS C 356 -8.51 5.73 -30.74
N ARG C 357 -8.04 5.33 -31.90
CA ARG C 357 -7.56 6.32 -32.86
C ARG C 357 -8.67 6.76 -33.80
N ILE C 358 -8.90 8.05 -33.85
CA ILE C 358 -9.90 8.65 -34.70
C ILE C 358 -9.23 9.37 -35.87
N SER C 359 -9.64 9.03 -37.09
CA SER C 359 -9.01 9.61 -38.27
C SER C 359 -9.95 9.68 -39.47
N ASN C 360 -9.60 10.53 -40.44
CA ASN C 360 -10.33 10.63 -41.70
C ASN C 360 -11.85 10.81 -41.54
N CYS C 361 -12.26 11.75 -40.69
CA CYS C 361 -13.66 12.01 -40.37
C CYS C 361 -13.92 13.44 -39.88
N VAL C 362 -15.20 13.79 -39.78
CA VAL C 362 -15.63 15.07 -39.26
C VAL C 362 -16.02 14.98 -37.80
N ALA C 363 -15.34 15.75 -36.99
CA ALA C 363 -15.54 15.71 -35.56
C ALA C 363 -16.49 16.81 -35.11
N ASP C 364 -17.75 16.45 -34.89
CA ASP C 364 -18.71 17.47 -34.52
C ASP C 364 -18.60 17.71 -33.02
N TYR C 365 -17.60 18.49 -32.64
CA TYR C 365 -17.25 18.70 -31.25
C TYR C 365 -18.32 19.44 -30.49
N SER C 366 -19.17 20.16 -31.20
CA SER C 366 -20.21 20.94 -30.58
C SER C 366 -21.25 20.05 -29.91
N VAL C 367 -21.37 18.81 -30.39
CA VAL C 367 -22.31 17.88 -29.80
C VAL C 367 -21.90 17.55 -28.39
N LEU C 368 -20.61 17.38 -28.19
CA LEU C 368 -20.10 17.05 -26.88
C LEU C 368 -20.09 18.28 -25.99
N TYR C 369 -19.55 19.37 -26.50
CA TYR C 369 -19.42 20.56 -25.68
C TYR C 369 -20.74 21.07 -25.13
N ASN C 370 -21.75 21.15 -25.97
CA ASN C 370 -23.02 21.71 -25.53
C ASN C 370 -23.99 20.66 -25.05
N SER C 371 -23.52 19.44 -24.82
CA SER C 371 -24.41 18.38 -24.35
C SER C 371 -24.95 18.64 -22.96
N ALA C 372 -24.18 19.32 -22.13
CA ALA C 372 -24.55 19.61 -20.75
C ALA C 372 -24.78 18.32 -19.96
N SER C 373 -24.18 17.22 -20.41
CA SER C 373 -24.28 15.96 -19.72
C SER C 373 -22.97 15.60 -19.05
N PHE C 374 -22.02 16.52 -19.14
CA PHE C 374 -20.71 16.29 -18.57
C PHE C 374 -20.54 17.12 -17.32
N SER C 375 -19.81 16.59 -16.35
CA SER C 375 -19.55 17.38 -15.15
C SER C 375 -18.27 18.15 -15.34
N THR C 376 -17.39 17.61 -16.15
CA THR C 376 -16.12 18.23 -16.47
C THR C 376 -15.90 18.28 -17.97
N PHE C 377 -15.52 19.45 -18.46
CA PHE C 377 -15.16 19.61 -19.86
C PHE C 377 -14.09 20.67 -19.91
N LYS C 378 -12.85 20.26 -19.74
CA LYS C 378 -11.77 21.23 -19.64
C LYS C 378 -10.78 21.08 -20.79
N CYS C 379 -10.54 22.17 -21.53
CA CYS C 379 -9.68 22.17 -22.71
C CYS C 379 -8.35 22.87 -22.43
N TYR C 380 -7.29 22.28 -22.97
CA TYR C 380 -5.95 22.79 -22.82
C TYR C 380 -5.33 23.04 -24.18
N GLY C 381 -4.92 24.28 -24.41
CA GLY C 381 -4.26 24.64 -25.67
C GLY C 381 -5.24 25.02 -26.76
N VAL C 382 -6.52 24.72 -26.54
CA VAL C 382 -7.55 25.03 -27.51
C VAL C 382 -8.75 25.64 -26.82
N SER C 383 -9.52 26.44 -27.55
CA SER C 383 -10.75 26.98 -27.02
C SER C 383 -11.88 26.00 -27.30
N PRO C 384 -12.72 25.67 -26.30
CA PRO C 384 -13.77 24.66 -26.37
C PRO C 384 -14.84 24.95 -27.41
N THR C 385 -14.95 26.20 -27.84
CA THR C 385 -15.93 26.58 -28.83
C THR C 385 -15.33 26.80 -30.21
N LYS C 386 -14.02 26.58 -30.33
CA LYS C 386 -13.29 26.75 -31.58
C LYS C 386 -12.69 25.44 -32.04
N LEU C 387 -13.10 24.36 -31.39
CA LEU C 387 -12.56 23.04 -31.66
C LEU C 387 -12.82 22.62 -33.08
N ASN C 388 -13.93 23.08 -33.64
CA ASN C 388 -14.33 22.73 -34.99
C ASN C 388 -13.41 23.33 -36.07
N ASP C 389 -12.80 24.46 -35.77
CA ASP C 389 -12.03 25.18 -36.77
C ASP C 389 -10.62 24.65 -36.92
N LEU C 390 -10.09 24.05 -35.87
CA LEU C 390 -8.72 23.58 -35.91
C LEU C 390 -8.65 22.10 -36.29
N CYS C 391 -7.87 21.79 -37.35
CA CYS C 391 -7.70 20.44 -37.88
C CYS C 391 -6.49 19.73 -37.27
N PHE C 392 -6.62 18.43 -37.12
CA PHE C 392 -5.56 17.63 -36.55
C PHE C 392 -5.20 16.46 -37.42
N THR C 393 -4.01 15.95 -37.23
CA THR C 393 -3.59 14.75 -37.93
C THR C 393 -4.35 13.56 -37.38
N ASN C 394 -4.39 13.49 -36.07
CA ASN C 394 -5.08 12.43 -35.36
C ASN C 394 -5.77 12.95 -34.14
N VAL C 395 -6.83 12.29 -33.75
CA VAL C 395 -7.44 12.54 -32.47
C VAL C 395 -7.44 11.22 -31.72
N TYR C 396 -6.90 11.22 -30.52
CA TYR C 396 -6.87 9.98 -29.76
C TYR C 396 -7.78 10.06 -28.57
N ALA C 397 -8.70 9.12 -28.48
CA ALA C 397 -9.61 9.08 -27.36
C ALA C 397 -9.16 8.05 -26.36
N ASP C 398 -8.58 8.49 -25.26
CA ASP C 398 -8.08 7.60 -24.23
C ASP C 398 -9.14 7.47 -23.15
N SER C 399 -9.80 6.33 -23.12
CA SER C 399 -10.95 6.11 -22.26
C SER C 399 -10.68 5.23 -21.04
N PHE C 400 -11.12 5.70 -19.88
CA PHE C 400 -10.93 4.96 -18.62
C PHE C 400 -11.87 5.36 -17.49
N VAL C 401 -11.93 4.52 -16.45
CA VAL C 401 -12.72 4.84 -15.26
C VAL C 401 -11.89 5.09 -14.01
N ILE C 402 -12.14 6.22 -13.38
CA ILE C 402 -11.51 6.64 -12.12
C ILE C 402 -12.55 7.13 -11.14
N ARG C 403 -12.19 7.28 -9.86
CA ARG C 403 -13.13 7.84 -8.91
C ARG C 403 -13.07 9.36 -8.87
N GLY C 404 -14.16 9.97 -8.45
CA GLY C 404 -14.34 11.42 -8.41
C GLY C 404 -13.18 12.24 -7.88
N ASP C 405 -12.65 11.90 -6.71
CA ASP C 405 -11.59 12.71 -6.14
C ASP C 405 -10.33 12.75 -6.99
N GLU C 406 -10.17 11.77 -7.87
CA GLU C 406 -8.98 11.66 -8.69
C GLU C 406 -9.14 12.33 -10.05
N VAL C 407 -10.32 12.88 -10.32
CA VAL C 407 -10.57 13.51 -11.61
C VAL C 407 -9.64 14.69 -11.81
N ARG C 408 -9.35 15.41 -10.74
CA ARG C 408 -8.47 16.56 -10.80
C ARG C 408 -7.03 16.20 -11.21
N GLN C 409 -6.68 14.92 -11.16
CA GLN C 409 -5.33 14.52 -11.53
C GLN C 409 -5.18 14.40 -13.03
N ILE C 410 -6.27 14.37 -13.77
CA ILE C 410 -6.14 14.22 -15.20
C ILE C 410 -5.93 15.59 -15.81
N ALA C 411 -4.71 16.06 -15.67
CA ALA C 411 -4.34 17.37 -16.13
C ALA C 411 -2.83 17.45 -16.26
N PRO C 412 -2.32 18.27 -17.17
CA PRO C 412 -0.91 18.46 -17.39
C PRO C 412 -0.28 19.05 -16.15
N GLY C 413 0.91 18.58 -15.80
CA GLY C 413 1.65 19.12 -14.68
C GLY C 413 1.22 18.54 -13.33
N GLN C 414 0.25 17.63 -13.32
CA GLN C 414 -0.20 17.09 -12.04
C GLN C 414 0.53 15.82 -11.65
N THR C 415 0.52 15.55 -10.35
CA THR C 415 1.12 14.35 -9.78
C THR C 415 0.10 13.63 -8.91
N GLY C 416 0.39 12.38 -8.57
CA GLY C 416 -0.54 11.60 -7.73
C GLY C 416 -0.64 10.17 -8.23
N LYS C 417 -1.48 9.37 -7.59
CA LYS C 417 -1.56 7.96 -7.94
C LYS C 417 -1.94 7.71 -9.40
N ILE C 418 -2.81 8.53 -9.94
CA ILE C 418 -3.21 8.29 -11.31
C ILE C 418 -2.27 9.01 -12.22
N ALA C 419 -2.02 10.26 -11.90
CA ALA C 419 -1.16 11.07 -12.74
C ALA C 419 0.21 10.43 -12.90
N ASP C 420 0.72 9.78 -11.88
CA ASP C 420 2.05 9.19 -11.99
C ASP C 420 2.10 7.70 -12.30
N TYR C 421 1.11 6.90 -11.90
CA TYR C 421 1.26 5.46 -12.12
C TYR C 421 0.28 4.85 -13.11
N ASN C 422 -0.71 5.60 -13.57
CA ASN C 422 -1.70 5.01 -14.47
C ASN C 422 -1.82 5.70 -15.81
N TYR C 423 -1.92 7.02 -15.78
CA TYR C 423 -2.14 7.80 -16.98
C TYR C 423 -1.64 9.21 -16.81
N LYS C 424 -0.54 9.52 -17.48
CA LYS C 424 0.06 10.82 -17.28
C LYS C 424 -0.03 11.68 -18.51
N LEU C 425 -0.45 12.92 -18.34
CA LEU C 425 -0.47 13.85 -19.46
C LEU C 425 0.79 14.69 -19.39
N PRO C 426 1.38 15.04 -20.54
CA PRO C 426 2.54 15.88 -20.69
C PRO C 426 2.22 17.31 -20.32
N ASP C 427 3.22 18.06 -19.90
CA ASP C 427 3.04 19.45 -19.51
C ASP C 427 2.52 20.31 -20.65
N ASP C 428 2.85 19.94 -21.88
CA ASP C 428 2.42 20.67 -23.06
C ASP C 428 1.23 19.99 -23.75
N PHE C 429 0.48 19.19 -23.00
CA PHE C 429 -0.68 18.51 -23.55
C PHE C 429 -1.66 19.44 -24.22
N THR C 430 -2.11 19.03 -25.40
CA THR C 430 -3.13 19.77 -26.13
C THR C 430 -4.31 18.84 -26.37
N GLY C 431 -5.49 19.30 -26.01
CA GLY C 431 -6.68 18.48 -26.15
C GLY C 431 -7.66 18.81 -25.04
N CYS C 432 -8.71 18.01 -24.90
CA CYS C 432 -9.76 18.24 -23.91
C CYS C 432 -10.00 17.02 -23.04
N VAL C 433 -10.20 17.27 -21.77
CA VAL C 433 -10.52 16.23 -20.81
C VAL C 433 -11.99 16.29 -20.47
N ILE C 434 -12.69 15.21 -20.76
CA ILE C 434 -14.13 15.16 -20.58
C ILE C 434 -14.50 14.08 -19.57
N ALA C 435 -15.30 14.42 -18.58
CA ALA C 435 -15.68 13.40 -17.62
C ALA C 435 -17.11 13.56 -17.12
N TRP C 436 -17.71 12.43 -16.75
CA TRP C 436 -19.04 12.49 -16.19
C TRP C 436 -19.30 11.42 -15.14
N ASN C 437 -20.26 11.70 -14.29
CA ASN C 437 -20.62 10.82 -13.19
C ASN C 437 -21.45 9.67 -13.69
N SER C 438 -20.92 8.47 -13.51
CA SER C 438 -21.57 7.26 -14.02
C SER C 438 -21.93 6.32 -12.88
N ASN C 439 -22.12 6.88 -11.71
CA ASN C 439 -22.44 6.12 -10.50
C ASN C 439 -23.60 5.17 -10.70
N ASN C 440 -24.62 5.61 -11.39
CA ASN C 440 -25.81 4.78 -11.55
C ASN C 440 -25.65 3.76 -12.65
N LEU C 441 -24.50 3.73 -13.29
CA LEU C 441 -24.25 2.78 -14.36
C LEU C 441 -23.22 1.75 -13.93
N ASP C 442 -22.18 2.20 -13.26
CA ASP C 442 -21.07 1.33 -12.88
C ASP C 442 -21.14 0.78 -11.46
N SER C 443 -21.72 1.52 -10.51
CA SER C 443 -21.69 0.99 -9.15
C SER C 443 -22.60 -0.20 -9.02
N LYS C 444 -22.21 -1.13 -8.17
CA LYS C 444 -23.00 -2.33 -7.96
C LYS C 444 -23.29 -2.50 -6.50
N VAL C 445 -24.35 -3.21 -6.21
CA VAL C 445 -24.64 -3.51 -4.83
C VAL C 445 -23.60 -4.50 -4.36
N GLY C 446 -22.91 -4.18 -3.28
CA GLY C 446 -21.84 -5.03 -2.77
C GLY C 446 -20.47 -4.52 -3.24
N GLY C 447 -20.46 -3.62 -4.22
CA GLY C 447 -19.23 -3.05 -4.73
C GLY C 447 -18.80 -3.62 -6.07
N ASN C 448 -18.54 -2.74 -7.03
CA ASN C 448 -18.05 -3.13 -8.33
C ASN C 448 -16.54 -3.07 -8.30
N TYR C 449 -15.90 -4.23 -8.36
CA TYR C 449 -14.46 -4.33 -8.21
C TYR C 449 -13.75 -4.66 -9.52
N ASN C 450 -14.41 -4.39 -10.64
CA ASN C 450 -13.83 -4.72 -11.93
C ASN C 450 -12.92 -3.63 -12.47
N TYR C 451 -12.81 -2.53 -11.75
CA TYR C 451 -11.98 -1.42 -12.20
C TYR C 451 -10.76 -1.27 -11.33
N LEU C 452 -9.60 -1.36 -11.94
CA LEU C 452 -8.36 -1.32 -11.19
C LEU C 452 -7.44 -0.19 -11.57
N TYR C 453 -6.61 0.20 -10.62
CA TYR C 453 -5.57 1.18 -10.86
C TYR C 453 -4.29 0.69 -10.25
N ARG C 454 -3.18 1.18 -10.75
CA ARG C 454 -1.88 0.83 -10.26
C ARG C 454 -1.51 1.67 -9.06
N LEU C 455 -1.03 0.99 -8.04
CA LEU C 455 -0.59 1.62 -6.81
C LEU C 455 0.90 1.62 -6.72
N PHE C 456 1.50 0.54 -7.19
CA PHE C 456 2.92 0.37 -7.03
C PHE C 456 3.65 0.31 -8.35
N ARG C 457 4.61 1.20 -8.52
CA ARG C 457 5.43 1.18 -9.71
C ARG C 457 6.83 1.61 -9.34
N LYS C 458 7.82 1.04 -10.03
CA LYS C 458 9.21 1.36 -9.76
C LYS C 458 9.53 2.83 -9.98
N SER C 459 8.86 3.43 -10.95
CA SER C 459 9.07 4.83 -11.28
C SER C 459 7.80 5.41 -11.88
N ASN C 460 7.79 6.72 -12.05
CA ASN C 460 6.64 7.39 -12.62
C ASN C 460 6.57 7.12 -14.11
N LEU C 461 5.37 7.21 -14.66
CA LEU C 461 5.15 7.03 -16.09
C LEU C 461 5.59 8.19 -16.93
N LYS C 462 6.01 7.90 -18.14
CA LYS C 462 6.25 8.93 -19.12
C LYS C 462 4.89 9.33 -19.66
N PRO C 463 4.72 10.50 -20.26
CA PRO C 463 3.48 10.94 -20.85
C PRO C 463 2.96 9.89 -21.81
N PHE C 464 1.68 9.56 -21.65
CA PHE C 464 0.98 8.58 -22.47
C PHE C 464 1.58 7.18 -22.48
N GLU C 465 2.38 6.86 -21.46
CA GLU C 465 2.90 5.51 -21.35
C GLU C 465 1.82 4.60 -20.79
N ARG C 466 1.66 3.43 -21.39
CA ARG C 466 0.64 2.50 -20.94
C ARG C 466 1.26 1.23 -20.39
N ASP C 467 1.37 1.16 -19.07
CA ASP C 467 2.00 0.02 -18.41
C ASP C 467 0.95 -0.90 -17.81
N ILE C 468 0.80 -2.08 -18.40
CA ILE C 468 -0.24 -3.00 -17.98
C ILE C 468 0.32 -4.29 -17.39
N SER C 469 1.59 -4.24 -16.95
CA SER C 469 2.24 -5.38 -16.33
C SER C 469 1.60 -5.72 -14.99
N THR C 470 1.55 -7.00 -14.66
CA THR C 470 1.01 -7.46 -13.39
C THR C 470 2.09 -8.04 -12.48
N GLU C 471 3.34 -7.79 -12.81
CA GLU C 471 4.47 -8.30 -12.04
C GLU C 471 4.44 -7.77 -10.61
N ILE C 472 4.70 -8.65 -9.66
CA ILE C 472 4.66 -8.28 -8.25
C ILE C 472 5.72 -7.24 -7.94
N TYR C 473 5.31 -6.18 -7.27
CA TYR C 473 6.18 -5.09 -6.94
C TYR C 473 7.10 -5.43 -5.81
N GLN C 474 8.39 -5.19 -6.01
CA GLN C 474 9.39 -5.45 -5.01
C GLN C 474 9.76 -4.17 -4.30
N ALA C 475 9.22 -4.00 -3.09
CA ALA C 475 9.46 -2.78 -2.34
C ALA C 475 10.83 -2.84 -1.68
N GLY C 476 11.30 -4.06 -1.42
CA GLY C 476 12.56 -4.26 -0.72
C GLY C 476 13.67 -4.64 -1.68
N SER C 477 14.70 -5.28 -1.15
CA SER C 477 15.86 -5.68 -1.94
C SER C 477 15.81 -7.16 -2.31
N THR C 478 14.75 -7.82 -1.87
CA THR C 478 14.59 -9.25 -2.08
C THR C 478 13.63 -9.51 -3.23
N PRO C 479 13.97 -10.42 -4.15
CA PRO C 479 13.11 -10.91 -5.20
C PRO C 479 11.87 -11.56 -4.61
N CYS C 480 10.70 -11.36 -5.26
CA CYS C 480 9.44 -11.96 -4.82
C CYS C 480 9.29 -13.37 -5.39
N ASN C 481 9.89 -13.60 -6.55
CA ASN C 481 9.83 -14.89 -7.20
C ASN C 481 8.40 -15.38 -7.41
N GLY C 482 7.50 -14.46 -7.74
CA GLY C 482 6.12 -14.82 -8.01
C GLY C 482 5.25 -14.98 -6.76
N VAL C 483 5.81 -14.69 -5.60
CA VAL C 483 5.06 -14.88 -4.36
C VAL C 483 4.83 -13.57 -3.61
N GLU C 484 3.58 -13.32 -3.27
CA GLU C 484 3.21 -12.13 -2.52
C GLU C 484 3.57 -12.32 -1.05
N GLY C 485 3.80 -11.23 -0.33
CA GLY C 485 4.25 -11.33 1.07
C GLY C 485 4.78 -10.00 1.56
N PHE C 486 5.62 -10.02 2.59
CA PHE C 486 6.17 -8.78 3.08
C PHE C 486 7.05 -8.16 2.00
N ASN C 487 6.82 -6.88 1.71
CA ASN C 487 7.52 -6.16 0.63
C ASN C 487 7.29 -6.71 -0.79
N CYS C 488 6.25 -7.53 -0.98
CA CYS C 488 5.85 -8.11 -2.27
C CYS C 488 4.38 -7.86 -2.51
N TYR C 489 4.07 -6.93 -3.41
CA TYR C 489 2.68 -6.55 -3.54
C TYR C 489 2.14 -6.70 -4.95
N PHE C 490 0.87 -7.09 -5.04
CA PHE C 490 0.23 -7.09 -6.34
C PHE C 490 0.05 -5.62 -6.68
N PRO C 491 0.56 -5.15 -7.82
CA PRO C 491 0.66 -3.74 -8.17
C PRO C 491 -0.65 -3.02 -8.36
N LEU C 492 -1.73 -3.76 -8.59
CA LEU C 492 -3.03 -3.15 -8.85
C LEU C 492 -4.00 -3.32 -7.70
N GLN C 493 -4.93 -2.39 -7.58
CA GLN C 493 -6.02 -2.50 -6.61
C GLN C 493 -7.32 -2.03 -7.22
N SER C 494 -8.41 -2.65 -6.81
CA SER C 494 -9.71 -2.31 -7.33
C SER C 494 -10.36 -1.13 -6.61
N TYR C 495 -11.27 -0.48 -7.32
CA TYR C 495 -12.08 0.57 -6.73
C TYR C 495 -13.37 0.01 -6.20
N GLY C 496 -13.69 0.26 -4.94
CA GLY C 496 -14.94 -0.23 -4.38
C GLY C 496 -16.09 0.69 -4.75
N PHE C 497 -16.61 0.57 -5.97
CA PHE C 497 -17.67 1.47 -6.38
C PHE C 497 -19.04 0.97 -5.93
N GLN C 498 -19.66 1.74 -5.04
CA GLN C 498 -20.92 1.36 -4.40
C GLN C 498 -21.94 2.49 -4.57
N PRO C 499 -23.23 2.16 -4.61
CA PRO C 499 -24.35 3.08 -4.75
C PRO C 499 -24.51 4.02 -3.57
N THR C 500 -23.83 3.71 -2.48
CA THR C 500 -23.93 4.53 -1.28
C THR C 500 -22.69 5.40 -1.06
N ASN C 501 -21.77 5.38 -2.01
CA ASN C 501 -20.56 6.18 -1.87
C ASN C 501 -20.85 7.65 -2.01
N GLY C 502 -20.07 8.48 -1.32
CA GLY C 502 -20.16 9.92 -1.51
C GLY C 502 -19.55 10.23 -2.87
N VAL C 503 -19.74 11.45 -3.35
CA VAL C 503 -19.34 11.78 -4.73
C VAL C 503 -17.88 11.53 -5.01
N GLY C 504 -17.02 11.82 -4.06
CA GLY C 504 -15.58 11.64 -4.26
C GLY C 504 -15.21 10.18 -4.53
N TYR C 505 -16.08 9.26 -4.16
CA TYR C 505 -15.81 7.85 -4.34
C TYR C 505 -16.73 7.23 -5.38
N GLN C 506 -17.49 8.06 -6.08
CA GLN C 506 -18.32 7.55 -7.15
C GLN C 506 -17.44 7.46 -8.38
N PRO C 507 -17.71 6.54 -9.29
CA PRO C 507 -17.01 6.37 -10.54
C PRO C 507 -17.33 7.48 -11.52
N TYR C 508 -16.32 7.86 -12.28
CA TYR C 508 -16.47 8.79 -13.39
C TYR C 508 -15.87 8.18 -14.64
N ARG C 509 -16.56 8.37 -15.74
CA ARG C 509 -16.06 7.90 -17.00
C ARG C 509 -15.31 9.04 -17.63
N VAL C 510 -14.06 8.80 -17.95
CA VAL C 510 -13.21 9.85 -18.44
C VAL C 510 -12.72 9.56 -19.83
N VAL C 511 -12.88 10.52 -20.70
CA VAL C 511 -12.37 10.43 -22.04
C VAL C 511 -11.44 11.59 -22.30
N VAL C 512 -10.21 11.29 -22.65
CA VAL C 512 -9.30 12.37 -22.97
C VAL C 512 -9.05 12.40 -24.44
N LEU C 513 -9.38 13.52 -25.07
CA LEU C 513 -9.19 13.64 -26.50
C LEU C 513 -7.91 14.39 -26.76
N SER C 514 -6.90 13.65 -27.16
CA SER C 514 -5.58 14.20 -27.42
C SER C 514 -5.50 14.65 -28.85
N PHE C 515 -5.12 15.89 -29.05
CA PHE C 515 -5.05 16.45 -30.39
C PHE C 515 -3.63 16.48 -30.89
N GLU C 516 -3.36 15.69 -31.91
CA GLU C 516 -2.00 15.59 -32.40
C GLU C 516 -1.85 16.20 -33.78
N LEU C 517 -0.90 17.11 -33.92
CA LEU C 517 -0.63 17.72 -35.20
C LEU C 517 0.78 17.38 -35.68
N LEU C 518 0.85 16.55 -36.72
CA LEU C 518 2.12 16.08 -37.27
C LEU C 518 2.34 16.61 -38.66
N HIS C 519 3.54 16.39 -39.18
CA HIS C 519 3.77 16.63 -40.59
C HIS C 519 2.88 15.64 -41.33
N ALA C 520 1.72 16.13 -41.76
CA ALA C 520 0.67 15.25 -42.25
C ALA C 520 -0.40 16.09 -42.97
N PRO C 521 -1.27 15.47 -43.76
CA PRO C 521 -2.43 16.08 -44.42
C PRO C 521 -3.49 16.68 -43.50
N ALA C 522 -3.51 16.30 -42.22
CA ALA C 522 -4.51 16.82 -41.27
C ALA C 522 -5.92 16.37 -41.67
N THR C 523 -6.30 15.18 -41.22
CA THR C 523 -7.53 14.58 -41.69
C THR C 523 -8.77 14.78 -40.82
N VAL C 524 -8.61 15.22 -39.58
CA VAL C 524 -9.79 15.37 -38.74
C VAL C 524 -10.09 16.85 -38.48
N CYS C 525 -11.29 17.29 -38.87
CA CYS C 525 -11.72 18.69 -38.80
C CYS C 525 -13.18 18.74 -38.38
N GLY C 526 -13.68 19.91 -38.03
CA GLY C 526 -15.09 20.04 -37.70
C GLY C 526 -15.90 20.13 -39.00
N PRO C 527 -17.24 20.34 -38.95
CA PRO C 527 -18.14 20.39 -40.09
C PRO C 527 -18.11 21.77 -40.75
C1 NAG D . -24.90 9.04 -26.45
C2 NAG D . -24.60 10.23 -27.43
C3 NAG D . -25.53 11.42 -27.05
C4 NAG D . -27.00 10.98 -27.18
C5 NAG D . -27.24 9.76 -26.25
C6 NAG D . -28.64 9.19 -26.35
C7 NAG D . -22.37 10.75 -28.33
C8 NAG D . -20.95 11.18 -28.16
N2 NAG D . -23.19 10.64 -27.27
O3 NAG D . -25.25 12.51 -27.93
O4 NAG D . -27.82 12.08 -26.71
O5 NAG D . -26.31 8.67 -26.58
O6 NAG D . -29.00 8.87 -27.70
O7 NAG D . -22.79 10.53 -29.47
C1 NAG D . -28.92 12.53 -27.64
C2 NAG D . -29.98 13.33 -26.79
C3 NAG D . -31.12 13.75 -27.75
C4 NAG D . -30.55 14.61 -28.91
C5 NAG D . -29.48 13.77 -29.67
C6 NAG D . -28.83 14.55 -30.80
C7 NAG D . -30.10 12.55 -24.46
C8 NAG D . -30.68 11.64 -23.42
N2 NAG D . -30.52 12.46 -25.73
O3 NAG D . -32.09 14.51 -27.02
O4 NAG D . -31.61 14.97 -29.80
O5 NAG D . -28.42 13.33 -28.74
O6 NAG D . -28.24 15.76 -30.34
O7 NAG D . -29.23 13.37 -24.14
#